data_8XWZ
#
_entry.id   8XWZ
#
_cell.length_a   80.422
_cell.length_b   80.422
_cell.length_c   141.250
_cell.angle_alpha   90.000
_cell.angle_beta   90.000
_cell.angle_gamma   90.000
#
_symmetry.space_group_name_H-M   'P 41 21 2'
#
loop_
_entity.id
_entity.type
_entity.pdbx_description
1 polymer 'Bence-Jones protein kappa light chain PT-CN'
2 non-polymer 'PHOSPHATE ION'
3 non-polymer 2-ETHOXYETHANOL
4 non-polymer 'TRIETHYLENE GLYCOL'
5 non-polymer GLYCEROL
6 non-polymer 1,2-ETHANEDIOL
7 non-polymer DI(HYDROXYETHYL)ETHER
8 water water
#
_entity_poly.entity_id   1
_entity_poly.type   'polypeptide(L)'
_entity_poly.pdbx_seq_one_letter_code
;DIQMTQSPSSLSASVGDRVTITCRASQTISNFLNWYQQKPGKAPKLLIYAASTLQSGVPSGFSGSGSGTDFTLTISSLQP
EDFATYYCQQTYSTPYTFGLGTKLEIKRTVAAPSVFIFPPSDEQLKSGTASVVCLLNNFYPREAKVQWKVDNALQSGNSQ
ESVTEQDSKDSTYSLSSTLTLSKADYEKHKVYACEVTHQGLSSPVTKSFNRGEC
;
_entity_poly.pdbx_strand_id   A,B
#
# COMPACT_ATOMS: atom_id res chain seq x y z
N ASP A 1 29.19 0.75 -6.43
CA ASP A 1 28.37 1.51 -5.51
C ASP A 1 28.40 0.91 -4.11
N ILE A 2 28.19 1.74 -3.09
CA ILE A 2 28.16 1.28 -1.71
C ILE A 2 26.84 0.59 -1.45
N GLN A 3 26.89 -0.67 -1.01
CA GLN A 3 25.70 -1.47 -0.75
C GLN A 3 25.35 -1.41 0.73
N MET A 4 24.07 -1.16 1.01
CA MET A 4 23.56 -1.07 2.38
C MET A 4 22.64 -2.25 2.64
N THR A 5 22.91 -2.99 3.71
CA THR A 5 22.13 -4.17 4.09
C THR A 5 21.52 -3.93 5.46
N GLN A 6 20.20 -3.99 5.54
CA GLN A 6 19.48 -3.78 6.79
C GLN A 6 19.04 -5.10 7.39
N SER A 7 18.94 -5.14 8.71
CA SER A 7 18.53 -6.33 9.43
C SER A 7 17.75 -5.96 10.68
N PRO A 8 16.64 -6.66 10.97
CA PRO A 8 16.06 -7.69 10.11
C PRO A 8 15.21 -7.10 9.00
N SER A 9 14.71 -7.95 8.10
CA SER A 9 13.82 -7.46 7.05
C SER A 9 12.48 -7.01 7.63
N SER A 10 11.99 -7.73 8.63
CA SER A 10 10.76 -7.36 9.32
C SER A 10 10.91 -7.71 10.80
N LEU A 11 10.04 -7.12 11.61
CA LEU A 11 10.11 -7.32 13.06
C LEU A 11 8.70 -7.26 13.64
N SER A 12 8.31 -8.30 14.35
CA SER A 12 7.04 -8.34 15.06
C SER A 12 7.31 -8.02 16.51
N ALA A 13 6.82 -6.88 16.98
CA ALA A 13 7.03 -6.44 18.35
C ALA A 13 5.73 -5.90 18.90
N SER A 14 5.71 -5.67 20.21
CA SER A 14 4.55 -5.17 20.92
C SER A 14 4.78 -3.72 21.34
N VAL A 15 3.68 -3.04 21.64
CA VAL A 15 3.75 -1.64 22.07
C VAL A 15 4.42 -1.57 23.44
N GLY A 16 5.40 -0.68 23.57
CA GLY A 16 6.19 -0.57 24.77
C GLY A 16 7.51 -1.30 24.74
N ASP A 17 7.75 -2.10 23.70
CA ASP A 17 8.99 -2.84 23.59
C ASP A 17 10.15 -1.92 23.18
N ARG A 18 11.36 -2.40 23.43
CA ARG A 18 12.58 -1.74 23.01
C ARG A 18 13.17 -2.52 21.84
N VAL A 19 13.28 -1.86 20.68
CA VAL A 19 13.74 -2.54 19.48
C VAL A 19 15.02 -1.88 18.98
N THR A 20 15.86 -2.68 18.32
CA THR A 20 17.09 -2.18 17.73
C THR A 20 17.26 -2.81 16.35
N ILE A 21 17.39 -1.97 15.33
CA ILE A 21 17.57 -2.42 13.96
C ILE A 21 18.95 -1.99 13.49
N THR A 22 19.52 -2.78 12.58
CA THR A 22 20.90 -2.60 12.16
C THR A 22 20.98 -2.31 10.66
N CYS A 23 22.02 -1.57 10.29
CA CYS A 23 22.29 -1.22 8.90
C CYS A 23 23.80 -1.27 8.70
N ARG A 24 24.25 -2.09 7.76
CA ARG A 24 25.68 -2.26 7.50
C ARG A 24 26.01 -1.80 6.09
N ALA A 25 27.13 -1.10 5.96
CA ALA A 25 27.63 -0.61 4.68
C ALA A 25 28.75 -1.51 4.18
N SER A 26 28.83 -1.65 2.85
CA SER A 26 29.88 -2.47 2.25
C SER A 26 31.26 -1.85 2.38
N GLN A 27 31.34 -0.54 2.60
CA GLN A 27 32.60 0.15 2.86
C GLN A 27 32.42 1.07 4.06
N THR A 28 33.53 1.58 4.57
CA THR A 28 33.47 2.57 5.64
C THR A 28 32.91 3.88 5.10
N ILE A 29 32.03 4.51 5.88
CA ILE A 29 31.33 5.71 5.43
C ILE A 29 31.29 6.73 6.56
N SER A 30 32.16 6.58 7.55
CA SER A 30 32.26 7.49 8.70
C SER A 30 30.88 7.52 9.36
N ASN A 31 30.32 8.69 9.64
CA ASN A 31 28.96 8.80 10.18
C ASN A 31 27.98 9.34 9.13
N PHE A 32 28.29 9.11 7.85
CA PHE A 32 27.47 9.61 6.75
C PHE A 32 26.30 8.65 6.52
N LEU A 33 25.34 8.69 7.43
CA LEU A 33 24.18 7.81 7.34
C LEU A 33 22.93 8.51 7.87
N ASN A 34 21.84 8.35 7.14
CA ASN A 34 20.53 8.86 7.51
C ASN A 34 19.58 7.70 7.79
N TRP A 35 18.68 7.92 8.75
CA TRP A 35 17.60 7.01 9.07
C TRP A 35 16.27 7.70 8.75
N TYR A 36 15.50 7.09 7.85
CA TYR A 36 14.17 7.56 7.47
C TYR A 36 13.10 6.61 8.01
N GLN A 37 11.91 7.16 8.24
CA GLN A 37 10.73 6.40 8.62
C GLN A 37 9.63 6.63 7.59
N GLN A 38 8.88 5.58 7.28
CA GLN A 38 7.78 5.70 6.33
C GLN A 38 6.68 4.72 6.70
N LYS A 39 5.46 5.25 6.85
CA LYS A 39 4.21 4.54 7.06
C LYS A 39 3.54 4.25 5.72
N PRO A 40 2.73 3.19 5.64
CA PRO A 40 2.12 2.82 4.36
C PRO A 40 1.23 3.93 3.82
N GLY A 41 1.37 4.22 2.53
CA GLY A 41 0.58 5.26 1.89
C GLY A 41 0.93 6.66 2.30
N LYS A 42 2.10 6.88 2.90
CA LYS A 42 2.52 8.22 3.28
C LYS A 42 3.96 8.47 2.82
N ALA A 43 4.32 9.75 2.81
CA ALA A 43 5.65 10.15 2.38
C ALA A 43 6.70 9.76 3.43
N PRO A 44 7.94 9.52 3.01
CA PRO A 44 9.00 9.26 3.98
C PRO A 44 9.32 10.51 4.81
N LYS A 45 9.99 10.28 5.94
CA LYS A 45 10.37 11.35 6.84
C LYS A 45 11.77 11.07 7.36
N LEU A 46 12.65 12.07 7.26
CA LEU A 46 14.02 11.93 7.78
C LEU A 46 13.99 11.99 9.29
N LEU A 47 14.33 10.88 9.94
CA LEU A 47 14.35 10.85 11.40
C LEU A 47 15.70 11.25 11.97
N ILE A 48 16.78 10.69 11.43
CA ILE A 48 18.12 10.88 12.00
C ILE A 48 19.08 11.22 10.88
N TYR A 49 19.88 12.27 11.08
N TYR A 49 19.87 12.28 11.07
CA TYR A 49 20.94 12.69 10.17
CA TYR A 49 20.93 12.63 10.14
C TYR A 49 22.28 12.50 10.86
C TYR A 49 22.28 12.52 10.84
N ALA A 50 23.31 12.25 10.04
CA ALA A 50 24.68 12.06 10.54
C ALA A 50 24.76 10.93 11.57
N ALA A 51 23.97 9.89 11.34
CA ALA A 51 23.98 8.64 12.11
C ALA A 51 23.44 8.79 13.53
N SER A 52 23.50 9.99 14.11
CA SER A 52 23.15 10.16 15.52
C SER A 52 22.25 11.34 15.83
N THR A 53 22.20 12.37 15.00
CA THR A 53 21.47 13.59 15.33
C THR A 53 20.00 13.45 14.94
N LEU A 54 19.12 13.61 15.92
CA LEU A 54 17.69 13.60 15.68
C LEU A 54 17.22 14.91 15.08
N GLN A 55 16.26 14.83 14.17
CA GLN A 55 15.71 16.04 13.58
C GLN A 55 14.60 16.60 14.48
N SER A 56 14.17 17.83 14.16
CA SER A 56 13.18 18.51 14.98
C SER A 56 11.86 17.75 14.98
N GLY A 57 11.24 17.68 16.16
CA GLY A 57 9.99 17.00 16.33
C GLY A 57 10.08 15.52 16.67
N VAL A 58 11.23 14.90 16.42
CA VAL A 58 11.38 13.47 16.68
C VAL A 58 11.54 13.25 18.19
N PRO A 59 10.75 12.39 18.80
CA PRO A 59 10.89 12.16 20.24
C PRO A 59 12.23 11.52 20.57
N SER A 60 12.67 11.73 21.81
CA SER A 60 13.96 11.21 22.27
C SER A 60 13.98 9.69 22.39
N GLY A 61 12.86 9.02 22.15
CA GLY A 61 12.86 7.56 22.18
C GLY A 61 13.67 6.92 21.07
N PHE A 62 13.90 7.65 19.98
CA PHE A 62 14.76 7.16 18.90
C PHE A 62 16.20 7.56 19.18
N SER A 63 17.12 6.61 18.96
CA SER A 63 18.55 6.87 19.15
C SER A 63 19.33 6.20 18.03
N GLY A 64 20.23 6.94 17.40
CA GLY A 64 21.08 6.42 16.34
C GLY A 64 22.52 6.33 16.81
N SER A 65 23.17 5.22 16.47
CA SER A 65 24.55 5.00 16.88
C SER A 65 25.31 4.32 15.75
N GLY A 66 26.63 4.44 15.80
CA GLY A 66 27.48 3.74 14.85
C GLY A 66 28.40 4.66 14.06
N SER A 67 29.58 4.15 13.71
CA SER A 67 30.52 4.91 12.89
C SER A 67 31.41 3.93 12.14
N GLY A 68 31.53 4.13 10.84
CA GLY A 68 32.31 3.23 10.01
C GLY A 68 31.46 2.43 9.05
N THR A 69 31.10 1.21 9.43
CA THR A 69 30.30 0.32 8.58
C THR A 69 29.01 -0.12 9.23
N ASP A 70 29.01 -0.35 10.54
CA ASP A 70 27.84 -0.88 11.25
C ASP A 70 27.14 0.26 12.00
N PHE A 71 25.83 0.37 11.81
CA PHE A 71 25.03 1.40 12.45
C PHE A 71 23.77 0.77 13.00
N THR A 72 23.20 1.40 14.03
CA THR A 72 21.99 0.90 14.66
C THR A 72 21.05 2.05 14.96
N LEU A 73 19.75 1.75 14.93
CA LEU A 73 18.71 2.65 15.40
C LEU A 73 17.86 1.92 16.42
N THR A 74 17.66 2.54 17.57
CA THR A 74 16.98 1.93 18.70
C THR A 74 15.78 2.77 19.10
N ILE A 75 14.63 2.13 19.22
CA ILE A 75 13.43 2.74 19.77
C ILE A 75 13.25 2.22 21.18
N SER A 76 13.25 3.14 22.15
CA SER A 76 13.26 2.77 23.55
C SER A 76 11.95 2.11 23.97
N SER A 77 10.82 2.73 23.63
CA SER A 77 9.51 2.18 23.96
C SER A 77 8.60 2.40 22.75
N LEU A 78 8.29 1.31 22.04
CA LEU A 78 7.47 1.42 20.84
C LEU A 78 6.10 1.99 21.19
N GLN A 79 5.63 2.90 20.34
CA GLN A 79 4.32 3.49 20.44
C GLN A 79 3.54 3.21 19.16
N PRO A 80 2.20 3.32 19.19
CA PRO A 80 1.42 3.01 17.98
C PRO A 80 1.85 3.78 16.74
N GLU A 81 2.43 4.96 16.90
CA GLU A 81 2.88 5.76 15.78
C GLU A 81 4.28 5.39 15.30
N ASP A 82 4.94 4.43 15.96
CA ASP A 82 6.27 4.00 15.58
C ASP A 82 6.28 2.78 14.67
N PHE A 83 5.15 2.07 14.56
CA PHE A 83 5.07 0.87 13.73
C PHE A 83 5.04 1.29 12.27
N ALA A 84 6.16 1.14 11.58
CA ALA A 84 6.32 1.56 10.20
C ALA A 84 7.56 0.89 9.63
N THR A 85 7.93 1.26 8.41
CA THR A 85 9.15 0.79 7.78
C THR A 85 10.25 1.81 8.00
N TYR A 86 11.46 1.32 8.29
CA TYR A 86 12.61 2.17 8.53
C TYR A 86 13.69 1.88 7.51
N TYR A 87 14.23 2.93 6.90
CA TYR A 87 15.28 2.82 5.89
C TYR A 87 16.54 3.52 6.37
N CYS A 88 17.68 3.02 5.94
CA CYS A 88 18.95 3.71 6.12
C CYS A 88 19.51 4.08 4.76
N GLN A 89 20.29 5.16 4.73
CA GLN A 89 20.85 5.68 3.49
C GLN A 89 22.23 6.24 3.76
N GLN A 90 23.19 5.86 2.93
CA GLN A 90 24.53 6.43 3.02
C GLN A 90 24.60 7.72 2.21
N THR A 91 25.29 8.72 2.76
CA THR A 91 25.52 9.99 2.09
C THR A 91 27.02 10.25 1.89
N TYR A 92 27.81 9.17 1.84
CA TYR A 92 29.26 9.30 1.80
C TYR A 92 29.76 9.53 0.37
N SER A 93 29.26 8.75 -0.58
CA SER A 93 29.73 8.87 -1.96
C SER A 93 28.57 8.56 -2.90
N THR A 94 28.61 9.17 -4.08
CA THR A 94 27.60 8.94 -5.09
C THR A 94 27.80 7.58 -5.75
N PRO A 95 26.72 6.84 -6.03
CA PRO A 95 25.34 7.25 -5.73
C PRO A 95 24.96 7.02 -4.26
N TYR A 96 24.14 7.92 -3.72
CA TYR A 96 23.67 7.79 -2.35
C TYR A 96 22.63 6.68 -2.28
N THR A 97 23.01 5.55 -1.70
CA THR A 97 22.23 4.31 -1.80
C THR A 97 21.42 4.07 -0.53
N PHE A 98 20.25 3.47 -0.71
CA PHE A 98 19.34 3.14 0.38
C PHE A 98 19.49 1.67 0.77
N GLY A 99 19.24 1.39 2.05
CA GLY A 99 18.96 0.03 2.45
C GLY A 99 17.57 -0.39 2.01
N LEU A 100 17.35 -1.71 1.98
CA LEU A 100 16.08 -2.23 1.51
C LEU A 100 14.96 -2.11 2.54
N GLY A 101 15.27 -1.82 3.79
CA GLY A 101 14.26 -1.45 4.74
C GLY A 101 14.03 -2.51 5.81
N THR A 102 13.41 -2.07 6.90
CA THR A 102 12.97 -2.94 7.98
C THR A 102 11.54 -2.57 8.34
N LYS A 103 10.62 -3.51 8.17
CA LYS A 103 9.21 -3.27 8.43
C LYS A 103 8.85 -3.72 9.85
N LEU A 104 8.26 -2.82 10.62
CA LEU A 104 7.83 -3.12 11.98
C LEU A 104 6.33 -3.36 11.97
N GLU A 105 5.91 -4.52 12.47
CA GLU A 105 4.50 -4.87 12.59
C GLU A 105 4.17 -5.18 14.04
N ILE A 106 2.88 -5.11 14.36
CA ILE A 106 2.40 -5.43 15.69
C ILE A 106 2.23 -6.94 15.78
N LYS A 107 2.89 -7.56 16.77
CA LYS A 107 2.78 -8.99 16.98
C LYS A 107 1.48 -9.33 17.70
N ARG A 108 0.85 -10.42 17.28
CA ARG A 108 -0.40 -10.87 17.88
C ARG A 108 -0.50 -12.38 17.72
N THR A 109 -1.63 -12.94 18.15
CA THR A 109 -1.83 -14.37 18.08
C THR A 109 -2.16 -14.81 16.66
N VAL A 110 -1.84 -16.07 16.37
CA VAL A 110 -2.13 -16.63 15.06
C VAL A 110 -3.64 -16.69 14.85
N ALA A 111 -4.09 -16.20 13.70
CA ALA A 111 -5.50 -16.17 13.36
C ALA A 111 -5.71 -16.82 12.01
N ALA A 112 -6.60 -17.80 11.97
CA ALA A 112 -6.93 -18.46 10.71
C ALA A 112 -7.77 -17.53 9.84
N PRO A 113 -7.65 -17.64 8.52
CA PRO A 113 -8.44 -16.78 7.64
C PRO A 113 -9.85 -17.31 7.45
N SER A 114 -10.78 -16.39 7.22
CA SER A 114 -12.11 -16.73 6.72
C SER A 114 -12.07 -16.67 5.20
N VAL A 115 -12.34 -17.79 4.55
CA VAL A 115 -12.16 -17.93 3.11
C VAL A 115 -13.52 -17.95 2.42
N PHE A 116 -13.65 -17.18 1.35
CA PHE A 116 -14.88 -17.11 0.57
C PHE A 116 -14.53 -17.15 -0.90
N ILE A 117 -15.37 -17.83 -1.69
CA ILE A 117 -15.19 -17.90 -3.14
C ILE A 117 -16.44 -17.32 -3.80
N PHE A 118 -16.22 -16.55 -4.86
CA PHE A 118 -17.29 -15.84 -5.54
C PHE A 118 -17.12 -16.03 -7.05
N PRO A 119 -18.11 -16.58 -7.74
CA PRO A 119 -18.01 -16.75 -9.20
C PRO A 119 -18.18 -15.43 -9.91
N PRO A 120 -17.84 -15.35 -11.21
CA PRO A 120 -18.02 -14.11 -11.95
C PRO A 120 -19.49 -13.81 -12.19
N SER A 121 -19.81 -12.51 -12.24
CA SER A 121 -21.16 -12.09 -12.56
C SER A 121 -21.43 -12.22 -14.05
N ASP A 122 -22.71 -12.37 -14.39
CA ASP A 122 -23.09 -12.49 -15.80
C ASP A 122 -22.79 -11.22 -16.58
N GLU A 123 -22.84 -10.06 -15.91
CA GLU A 123 -22.50 -8.81 -16.59
C GLU A 123 -21.06 -8.82 -17.07
N GLN A 124 -20.13 -9.23 -16.20
CA GLN A 124 -18.73 -9.33 -16.62
C GLN A 124 -18.54 -10.41 -17.69
N LEU A 125 -19.30 -11.51 -17.58
CA LEU A 125 -19.24 -12.53 -18.61
C LEU A 125 -19.67 -12.00 -19.97
N LYS A 126 -20.64 -11.09 -19.99
CA LYS A 126 -21.07 -10.50 -21.25
C LYS A 126 -19.99 -9.65 -21.90
N SER A 127 -18.94 -9.29 -21.17
CA SER A 127 -17.79 -8.60 -21.73
C SER A 127 -16.72 -9.55 -22.25
N GLY A 128 -16.85 -10.85 -21.99
CA GLY A 128 -15.91 -11.84 -22.47
C GLY A 128 -14.84 -12.25 -21.48
N THR A 129 -14.87 -11.73 -20.25
CA THR A 129 -13.87 -12.06 -19.24
C THR A 129 -14.58 -12.56 -17.98
N ALA A 130 -13.89 -13.44 -17.26
CA ALA A 130 -14.45 -14.09 -16.08
C ALA A 130 -13.45 -14.00 -14.94
N SER A 131 -13.87 -13.45 -13.81
CA SER A 131 -13.00 -13.24 -12.66
C SER A 131 -13.57 -13.99 -11.47
N VAL A 132 -12.93 -15.10 -11.10
CA VAL A 132 -13.27 -15.84 -9.90
C VAL A 132 -12.49 -15.26 -8.74
N VAL A 133 -13.19 -14.92 -7.66
CA VAL A 133 -12.58 -14.19 -6.55
C VAL A 133 -12.50 -15.09 -5.33
N CYS A 134 -11.34 -15.10 -4.67
CA CYS A 134 -11.14 -15.83 -3.43
C CYS A 134 -10.64 -14.83 -2.38
N LEU A 135 -11.43 -14.65 -1.33
CA LEU A 135 -11.14 -13.69 -0.27
C LEU A 135 -10.69 -14.42 0.98
N LEU A 136 -9.60 -13.94 1.58
CA LEU A 136 -9.11 -14.41 2.88
C LEU A 136 -9.17 -13.25 3.85
N ASN A 137 -10.02 -13.36 4.87
CA ASN A 137 -10.33 -12.26 5.76
C ASN A 137 -9.77 -12.51 7.15
N ASN A 138 -9.04 -11.52 7.67
CA ASN A 138 -8.65 -11.42 9.09
C ASN A 138 -7.83 -12.63 9.53
N PHE A 139 -6.58 -12.66 9.03
CA PHE A 139 -5.65 -13.71 9.38
C PHE A 139 -4.34 -13.11 9.86
N TYR A 140 -3.60 -13.89 10.65
CA TYR A 140 -2.29 -13.53 11.14
C TYR A 140 -1.51 -14.83 11.30
N PRO A 141 -0.25 -14.88 10.86
CA PRO A 141 0.51 -13.79 10.23
C PRO A 141 0.14 -13.54 8.76
N ARG A 142 0.82 -12.56 8.16
CA ARG A 142 0.48 -12.11 6.81
C ARG A 142 0.76 -13.17 5.76
N GLU A 143 1.72 -14.05 6.01
CA GLU A 143 2.14 -15.05 5.02
C GLU A 143 1.04 -16.08 4.84
N ALA A 144 0.42 -16.08 3.67
CA ALA A 144 -0.60 -17.05 3.31
C ALA A 144 -0.35 -17.49 1.88
N LYS A 145 -0.77 -18.71 1.53
CA LYS A 145 -0.73 -19.13 0.13
C LYS A 145 -2.12 -19.44 -0.38
N VAL A 146 -2.35 -19.08 -1.64
CA VAL A 146 -3.58 -19.33 -2.38
C VAL A 146 -3.20 -20.04 -3.67
N GLN A 147 -3.81 -21.19 -3.93
CA GLN A 147 -3.58 -21.98 -5.13
C GLN A 147 -4.90 -22.21 -5.82
N TRP A 148 -5.02 -21.75 -7.05
CA TRP A 148 -6.23 -21.96 -7.84
C TRP A 148 -6.18 -23.32 -8.52
N LYS A 149 -7.31 -24.03 -8.50
CA LYS A 149 -7.45 -25.31 -9.17
C LYS A 149 -8.69 -25.28 -10.03
N VAL A 150 -8.53 -25.64 -11.31
CA VAL A 150 -9.65 -25.71 -12.26
C VAL A 150 -9.74 -27.14 -12.76
N ASP A 151 -10.85 -27.81 -12.46
CA ASP A 151 -11.05 -29.22 -12.80
C ASP A 151 -9.92 -30.08 -12.25
N ASN A 152 -9.51 -29.78 -11.01
CA ASN A 152 -8.45 -30.50 -10.31
C ASN A 152 -7.11 -30.40 -11.03
N ALA A 153 -6.85 -29.26 -11.66
CA ALA A 153 -5.58 -28.98 -12.31
C ALA A 153 -5.00 -27.69 -11.75
N LEU A 154 -3.72 -27.70 -11.43
CA LEU A 154 -3.07 -26.53 -10.87
C LEU A 154 -3.01 -25.40 -11.89
N GLN A 155 -3.31 -24.19 -11.42
CA GLN A 155 -3.23 -22.99 -12.25
C GLN A 155 -2.07 -22.12 -11.78
N SER A 156 -1.50 -21.37 -12.72
CA SER A 156 -0.39 -20.49 -12.41
C SER A 156 -0.28 -19.43 -13.50
N GLY A 157 0.17 -18.25 -13.10
CA GLY A 157 0.37 -17.14 -14.02
C GLY A 157 -0.89 -16.48 -14.51
N ASN A 158 -2.06 -16.90 -14.02
CA ASN A 158 -3.34 -16.34 -14.45
C ASN A 158 -4.10 -15.68 -13.31
N SER A 159 -3.45 -15.42 -12.17
CA SER A 159 -4.11 -14.87 -11.01
C SER A 159 -3.39 -13.61 -10.54
N GLN A 160 -4.15 -12.75 -9.86
CA GLN A 160 -3.61 -11.53 -9.29
C GLN A 160 -3.96 -11.48 -7.81
N GLU A 161 -3.02 -11.04 -6.98
CA GLU A 161 -3.21 -11.03 -5.54
C GLU A 161 -2.98 -9.64 -4.99
N SER A 162 -3.89 -9.20 -4.11
CA SER A 162 -3.74 -7.94 -3.38
C SER A 162 -3.86 -8.23 -1.90
N VAL A 163 -2.95 -7.66 -1.11
CA VAL A 163 -2.90 -7.86 0.34
C VAL A 163 -2.96 -6.51 1.02
N THR A 164 -3.74 -6.44 2.10
CA THR A 164 -3.85 -5.20 2.85
C THR A 164 -2.67 -5.04 3.81
N GLU A 165 -2.52 -3.83 4.32
CA GLU A 165 -1.59 -3.60 5.42
C GLU A 165 -2.20 -4.12 6.72
N GLN A 166 -1.41 -4.09 7.78
CA GLN A 166 -1.90 -4.54 9.08
C GLN A 166 -3.07 -3.66 9.51
N ASP A 167 -4.22 -4.30 9.75
CA ASP A 167 -5.43 -3.56 10.04
C ASP A 167 -5.33 -2.89 11.40
N SER A 168 -5.74 -1.62 11.46
CA SER A 168 -5.79 -0.90 12.73
C SER A 168 -6.84 -1.50 13.67
N LYS A 169 -7.75 -2.32 13.16
CA LYS A 169 -8.81 -2.89 13.98
C LYS A 169 -8.29 -4.00 14.87
N ASP A 170 -7.72 -5.05 14.27
CA ASP A 170 -7.36 -6.25 15.01
C ASP A 170 -5.93 -6.72 14.72
N SER A 171 -5.12 -5.92 14.04
CA SER A 171 -3.75 -6.28 13.69
C SER A 171 -3.68 -7.55 12.84
N THR A 172 -4.72 -7.80 12.04
CA THR A 172 -4.73 -8.91 11.11
C THR A 172 -4.46 -8.40 9.70
N TYR A 173 -4.46 -9.33 8.74
CA TYR A 173 -4.28 -9.01 7.34
C TYR A 173 -5.43 -9.63 6.54
N SER A 174 -5.71 -9.02 5.38
CA SER A 174 -6.72 -9.53 4.47
C SER A 174 -6.14 -9.59 3.07
N LEU A 175 -6.68 -10.49 2.25
CA LEU A 175 -6.09 -10.80 0.97
C LEU A 175 -7.20 -11.15 -0.02
N SER A 176 -6.97 -10.79 -1.28
CA SER A 176 -7.86 -11.15 -2.38
C SER A 176 -7.04 -11.74 -3.50
N SER A 177 -7.50 -12.87 -4.04
CA SER A 177 -6.88 -13.51 -5.19
C SER A 177 -7.93 -13.65 -6.28
N THR A 178 -7.69 -13.04 -7.43
CA THR A 178 -8.62 -13.05 -8.54
C THR A 178 -8.02 -13.83 -9.69
N LEU A 179 -8.70 -14.91 -10.09
CA LEU A 179 -8.33 -15.70 -11.24
C LEU A 179 -9.14 -15.20 -12.43
N THR A 180 -8.46 -14.61 -13.41
CA THR A 180 -9.11 -13.99 -14.56
C THR A 180 -8.84 -14.81 -15.81
N LEU A 181 -9.92 -15.17 -16.50
CA LEU A 181 -9.87 -16.06 -17.65
C LEU A 181 -10.78 -15.50 -18.75
N SER A 182 -10.67 -16.08 -19.94
CA SER A 182 -11.61 -15.73 -20.99
C SER A 182 -12.96 -16.38 -20.72
N LYS A 183 -14.02 -15.78 -21.28
CA LYS A 183 -15.34 -16.40 -21.16
C LYS A 183 -15.35 -17.79 -21.78
N ALA A 184 -14.70 -17.95 -22.93
CA ALA A 184 -14.61 -19.27 -23.56
C ALA A 184 -13.93 -20.27 -22.63
N ASP A 185 -12.75 -19.91 -22.11
CA ASP A 185 -12.04 -20.80 -21.20
C ASP A 185 -12.87 -21.12 -19.97
N TYR A 186 -13.47 -20.10 -19.36
CA TYR A 186 -14.29 -20.31 -18.18
C TYR A 186 -15.43 -21.28 -18.46
N GLU A 187 -16.09 -21.14 -19.61
CA GLU A 187 -17.17 -22.05 -19.97
C GLU A 187 -16.67 -23.43 -20.36
N LYS A 188 -15.37 -23.56 -20.69
CA LYS A 188 -14.83 -24.87 -21.03
C LYS A 188 -14.61 -25.77 -19.82
N HIS A 189 -14.83 -25.27 -18.60
CA HIS A 189 -14.55 -26.03 -17.40
C HIS A 189 -15.69 -25.90 -16.41
N LYS A 190 -15.63 -26.70 -15.35
CA LYS A 190 -16.73 -26.83 -14.39
C LYS A 190 -16.33 -26.47 -12.98
N VAL A 191 -15.39 -27.20 -12.38
CA VAL A 191 -15.09 -27.07 -10.95
C VAL A 191 -13.98 -26.04 -10.77
N TYR A 192 -14.27 -24.98 -10.01
CA TYR A 192 -13.29 -23.93 -9.71
C TYR A 192 -13.11 -23.87 -8.20
N ALA A 193 -11.85 -23.95 -7.76
CA ALA A 193 -11.56 -23.98 -6.34
C ALA A 193 -10.33 -23.13 -6.03
N CYS A 194 -10.32 -22.54 -4.85
CA CYS A 194 -9.11 -21.94 -4.29
C CYS A 194 -8.75 -22.67 -3.01
N GLU A 195 -7.52 -23.17 -2.96
CA GLU A 195 -6.98 -23.86 -1.80
C GLU A 195 -6.09 -22.88 -1.04
N VAL A 196 -6.35 -22.73 0.26
CA VAL A 196 -5.65 -21.78 1.09
C VAL A 196 -4.85 -22.57 2.11
N THR A 197 -3.56 -22.30 2.18
CA THR A 197 -2.75 -22.80 3.29
C THR A 197 -2.26 -21.64 4.14
N HIS A 198 -2.35 -21.81 5.45
CA HIS A 198 -1.98 -20.80 6.42
C HIS A 198 -1.59 -21.48 7.72
N GLN A 199 -0.77 -20.79 8.51
CA GLN A 199 -0.29 -21.35 9.76
C GLN A 199 -1.43 -21.64 10.73
N GLY A 200 -2.52 -20.87 10.65
CA GLY A 200 -3.65 -21.07 11.54
C GLY A 200 -4.59 -22.20 11.16
N LEU A 201 -4.38 -22.84 10.02
CA LEU A 201 -5.21 -23.96 9.57
C LEU A 201 -4.46 -25.26 9.79
N SER A 202 -5.16 -26.25 10.36
CA SER A 202 -4.57 -27.57 10.54
C SER A 202 -4.27 -28.25 9.21
N SER A 203 -5.11 -28.03 8.21
CA SER A 203 -4.93 -28.53 6.87
C SER A 203 -5.43 -27.49 5.89
N PRO A 204 -4.96 -27.52 4.64
CA PRO A 204 -5.40 -26.50 3.67
C PRO A 204 -6.91 -26.56 3.46
N VAL A 205 -7.52 -25.37 3.42
CA VAL A 205 -8.96 -25.24 3.27
C VAL A 205 -9.27 -24.90 1.82
N THR A 206 -10.16 -25.68 1.20
CA THR A 206 -10.50 -25.51 -0.21
C THR A 206 -11.93 -25.00 -0.32
N LYS A 207 -12.11 -23.86 -0.98
CA LYS A 207 -13.43 -23.33 -1.31
C LYS A 207 -13.66 -23.53 -2.79
N SER A 208 -14.74 -24.22 -3.14
CA SER A 208 -14.97 -24.63 -4.52
C SER A 208 -16.42 -24.36 -4.91
N PHE A 209 -16.64 -24.31 -6.22
CA PHE A 209 -17.98 -24.21 -6.78
C PHE A 209 -17.97 -24.76 -8.19
N ASN A 210 -19.09 -25.36 -8.58
CA ASN A 210 -19.31 -25.78 -9.95
C ASN A 210 -19.87 -24.61 -10.75
N ARG A 211 -19.37 -24.45 -11.98
CA ARG A 211 -19.82 -23.36 -12.83
C ARG A 211 -21.32 -23.42 -13.02
N GLY A 212 -22.02 -22.35 -12.63
CA GLY A 212 -23.46 -22.32 -12.65
C GLY A 212 -24.04 -21.89 -11.33
N GLU A 213 -23.34 -22.23 -10.24
CA GLU A 213 -23.79 -21.85 -8.90
C GLU A 213 -23.52 -20.36 -8.66
N CYS A 214 -24.47 -19.71 -7.99
CA CYS A 214 -24.34 -18.29 -7.69
C CYS A 214 -25.19 -17.92 -6.47
N ASP B 1 8.87 25.41 9.66
CA ASP B 1 9.27 24.43 8.66
C ASP B 1 8.91 24.90 7.26
N ILE B 2 9.66 24.44 6.27
CA ILE B 2 9.39 24.74 4.87
C ILE B 2 8.42 23.69 4.34
N GLN B 3 7.27 24.15 3.85
N GLN B 3 7.27 24.16 3.86
CA GLN B 3 6.25 23.25 3.31
CA GLN B 3 6.25 23.27 3.31
C GLN B 3 6.50 23.00 1.84
C GLN B 3 6.54 23.00 1.83
N MET B 4 6.58 21.72 1.46
CA MET B 4 6.75 21.30 0.09
C MET B 4 5.43 20.75 -0.41
N THR B 5 4.90 21.34 -1.49
CA THR B 5 3.62 20.95 -2.06
C THR B 5 3.85 20.42 -3.47
N GLN B 6 3.42 19.19 -3.73
CA GLN B 6 3.58 18.57 -5.03
C GLN B 6 2.27 18.56 -5.79
N SER B 7 2.37 18.58 -7.12
CA SER B 7 1.20 18.54 -7.97
C SER B 7 1.54 17.86 -9.29
N PRO B 8 0.65 17.01 -9.83
CA PRO B 8 -0.61 16.66 -9.18
C PRO B 8 -0.41 15.57 -8.13
N SER B 9 -1.42 15.32 -7.30
CA SER B 9 -1.33 14.21 -6.35
C SER B 9 -1.28 12.87 -7.08
N SER B 10 -2.00 12.76 -8.20
CA SER B 10 -2.00 11.55 -9.01
C SER B 10 -2.04 11.93 -10.48
N LEU B 11 -1.47 11.08 -11.31
CA LEU B 11 -1.40 11.34 -12.74
C LEU B 11 -1.51 10.02 -13.49
N SER B 12 -2.47 9.93 -14.40
CA SER B 12 -2.68 8.74 -15.21
C SER B 12 -2.06 8.97 -16.59
N ALA B 13 -1.21 8.03 -17.01
CA ALA B 13 -0.52 8.15 -18.28
C ALA B 13 -0.30 6.77 -18.87
N SER B 14 0.31 6.73 -20.05
CA SER B 14 0.58 5.49 -20.77
C SER B 14 2.04 5.48 -21.22
N VAL B 15 2.48 4.30 -21.66
CA VAL B 15 3.85 4.16 -22.14
C VAL B 15 4.04 5.03 -23.37
N GLY B 16 5.11 5.83 -23.36
CA GLY B 16 5.39 6.76 -24.44
C GLY B 16 4.93 8.18 -24.20
N ASP B 17 4.18 8.42 -23.14
CA ASP B 17 3.72 9.76 -22.83
C ASP B 17 4.84 10.57 -22.17
N ARG B 18 4.80 11.89 -22.41
CA ARG B 18 5.69 12.84 -21.73
C ARG B 18 4.94 13.46 -20.57
N VAL B 19 5.56 13.46 -19.39
CA VAL B 19 4.88 13.89 -18.18
C VAL B 19 5.78 14.84 -17.39
N THR B 20 5.15 15.76 -16.65
CA THR B 20 5.84 16.72 -15.81
C THR B 20 5.17 16.78 -14.44
N ILE B 21 5.99 16.83 -13.40
CA ILE B 21 5.55 16.89 -12.01
C ILE B 21 6.13 18.15 -11.39
N THR B 22 5.32 18.86 -10.60
CA THR B 22 5.70 20.14 -10.00
C THR B 22 5.88 19.99 -8.50
N CYS B 23 6.88 20.67 -7.96
CA CYS B 23 7.13 20.74 -6.53
C CYS B 23 7.40 22.19 -6.16
N ARG B 24 6.71 22.69 -5.14
CA ARG B 24 6.83 24.09 -4.74
C ARG B 24 7.21 24.17 -3.27
N ALA B 25 8.11 25.09 -2.95
CA ALA B 25 8.55 25.33 -1.59
C ALA B 25 7.90 26.59 -1.05
N SER B 26 7.59 26.57 0.25
CA SER B 26 6.98 27.73 0.90
C SER B 26 7.92 28.93 0.99
N GLN B 27 9.22 28.74 0.77
CA GLN B 27 10.19 29.83 0.73
C GLN B 27 11.37 29.41 -0.12
N THR B 28 12.19 30.39 -0.49
CA THR B 28 13.29 30.14 -1.41
C THR B 28 14.28 29.14 -0.84
N ILE B 29 14.70 28.18 -1.65
CA ILE B 29 15.62 27.14 -1.21
C ILE B 29 16.73 26.95 -2.25
N SER B 30 16.86 27.91 -3.16
CA SER B 30 17.88 27.88 -4.23
C SER B 30 17.69 26.60 -5.03
N ASN B 31 18.68 25.72 -5.11
CA ASN B 31 18.55 24.45 -5.82
C ASN B 31 18.72 23.25 -4.89
N PHE B 32 18.56 23.46 -3.58
CA PHE B 32 18.69 22.39 -2.59
C PHE B 32 17.42 21.54 -2.60
N LEU B 33 17.25 20.77 -3.68
CA LEU B 33 16.05 19.97 -3.85
C LEU B 33 16.41 18.60 -4.42
N ASN B 34 15.82 17.56 -3.84
CA ASN B 34 15.99 16.19 -4.28
C ASN B 34 14.69 15.62 -4.81
N TRP B 35 14.81 14.76 -5.82
CA TRP B 35 13.71 13.96 -6.36
C TRP B 35 14.01 12.49 -6.12
N TYR B 36 13.12 11.83 -5.38
CA TYR B 36 13.14 10.39 -5.12
C TYR B 36 12.03 9.70 -5.91
N GLN B 37 12.26 8.43 -6.23
CA GLN B 37 11.28 7.56 -6.84
C GLN B 37 11.08 6.35 -5.95
N GLN B 38 9.85 5.83 -5.89
CA GLN B 38 9.55 4.69 -5.05
C GLN B 38 8.35 3.93 -5.58
N LYS B 39 8.51 2.64 -5.76
CA LYS B 39 7.45 1.71 -6.14
C LYS B 39 6.81 1.12 -4.89
N PRO B 40 5.52 0.77 -4.96
CA PRO B 40 4.83 0.26 -3.78
C PRO B 40 5.49 -0.99 -3.22
N GLY B 41 5.67 -1.02 -1.90
CA GLY B 41 6.30 -2.13 -1.23
C GLY B 41 7.80 -2.24 -1.43
N LYS B 42 8.44 -1.20 -1.99
CA LYS B 42 9.87 -1.24 -2.27
C LYS B 42 10.54 0.00 -1.71
N ALA B 43 11.86 -0.09 -1.54
CA ALA B 43 12.62 0.99 -0.94
C ALA B 43 12.66 2.20 -1.88
N PRO B 44 12.81 3.40 -1.32
CA PRO B 44 12.95 4.59 -2.16
C PRO B 44 14.30 4.63 -2.86
N LYS B 45 14.36 5.41 -3.93
CA LYS B 45 15.57 5.58 -4.72
C LYS B 45 15.75 7.06 -5.02
N LEU B 46 16.90 7.63 -4.65
CA LEU B 46 17.20 9.01 -4.98
C LEU B 46 17.52 9.10 -6.47
N LEU B 47 16.71 9.85 -7.21
CA LEU B 47 16.92 10.01 -8.65
C LEU B 47 17.71 11.27 -9.00
N ILE B 48 17.39 12.40 -8.36
CA ILE B 48 18.01 13.67 -8.71
C ILE B 48 18.35 14.42 -7.42
N TYR B 49 19.54 15.02 -7.38
CA TYR B 49 19.88 15.97 -6.33
C TYR B 49 20.32 17.28 -6.96
N ALA B 50 20.41 18.32 -6.12
CA ALA B 50 20.71 19.68 -6.55
C ALA B 50 19.75 20.16 -7.65
N ALA B 51 18.52 19.66 -7.60
CA ALA B 51 17.42 20.06 -8.48
C ALA B 51 17.57 19.53 -9.90
N SER B 52 18.78 19.55 -10.45
CA SER B 52 18.99 19.15 -11.84
C SER B 52 19.99 18.02 -12.03
N THR B 53 20.80 17.68 -11.03
CA THR B 53 21.86 16.69 -11.22
C THR B 53 21.31 15.28 -11.07
N LEU B 54 21.39 14.50 -12.14
CA LEU B 54 20.90 13.13 -12.13
C LEU B 54 21.91 12.23 -11.41
N GLN B 55 21.39 11.28 -10.64
CA GLN B 55 22.25 10.34 -9.93
C GLN B 55 22.77 9.27 -10.88
N SER B 56 23.88 8.66 -10.49
CA SER B 56 24.53 7.64 -11.30
C SER B 56 23.62 6.45 -11.55
N GLY B 57 23.25 6.23 -12.80
CA GLY B 57 22.41 5.11 -13.20
C GLY B 57 21.05 5.51 -13.73
N VAL B 58 20.59 6.72 -13.45
CA VAL B 58 19.27 7.15 -13.92
C VAL B 58 19.32 7.38 -15.43
N PRO B 59 18.37 6.84 -16.20
CA PRO B 59 18.35 7.11 -17.64
C PRO B 59 18.16 8.59 -17.92
N SER B 60 18.62 9.02 -19.09
CA SER B 60 18.56 10.42 -19.49
C SER B 60 17.15 10.93 -19.72
N GLY B 61 16.13 10.06 -19.65
CA GLY B 61 14.76 10.51 -19.80
C GLY B 61 14.26 11.37 -18.67
N PHE B 62 14.89 11.28 -17.49
CA PHE B 62 14.53 12.11 -16.34
C PHE B 62 15.28 13.43 -16.42
N SER B 63 14.55 14.53 -16.21
CA SER B 63 15.14 15.87 -16.28
C SER B 63 14.59 16.73 -15.16
N GLY B 64 15.47 17.24 -14.32
CA GLY B 64 15.09 18.12 -13.21
C GLY B 64 15.44 19.56 -13.53
N SER B 65 14.60 20.48 -13.07
CA SER B 65 14.85 21.89 -13.29
C SER B 65 14.18 22.71 -12.20
N GLY B 66 14.68 23.93 -12.02
CA GLY B 66 14.09 24.86 -11.06
C GLY B 66 15.12 25.42 -10.10
N SER B 67 14.84 26.61 -9.60
CA SER B 67 15.71 27.26 -8.63
C SER B 67 14.89 28.30 -7.87
N GLY B 68 14.89 28.21 -6.55
CA GLY B 68 14.13 29.14 -5.75
C GLY B 68 12.96 28.49 -5.04
N THR B 69 11.76 28.57 -5.62
CA THR B 69 10.57 27.97 -5.03
C THR B 69 9.88 26.96 -5.93
N ASP B 70 9.99 27.08 -7.25
CA ASP B 70 9.29 26.22 -8.19
C ASP B 70 10.27 25.25 -8.84
N PHE B 71 9.92 23.97 -8.86
CA PHE B 71 10.77 22.93 -9.42
C PHE B 71 9.92 21.95 -10.22
N THR B 72 10.50 21.39 -11.27
CA THR B 72 9.81 20.43 -12.12
C THR B 72 10.69 19.24 -12.41
N LEU B 73 10.04 18.08 -12.51
CA LEU B 73 10.66 16.85 -12.96
C LEU B 73 9.91 16.35 -14.19
N THR B 74 10.65 16.10 -15.26
CA THR B 74 10.08 15.73 -16.55
C THR B 74 10.56 14.36 -16.96
N ILE B 75 9.64 13.52 -17.43
CA ILE B 75 9.95 12.24 -18.03
C ILE B 75 9.51 12.29 -19.49
N SER B 76 10.45 12.02 -20.40
CA SER B 76 10.21 12.21 -21.83
C SER B 76 9.31 11.11 -22.39
N SER B 77 9.74 9.86 -22.29
CA SER B 77 8.99 8.73 -22.83
C SER B 77 8.81 7.71 -21.72
N LEU B 78 7.60 7.66 -21.16
CA LEU B 78 7.34 6.82 -20.00
C LEU B 78 7.54 5.34 -20.35
N GLN B 79 8.38 4.67 -19.59
CA GLN B 79 8.59 3.24 -19.64
C GLN B 79 7.80 2.57 -18.53
N PRO B 80 7.53 1.26 -18.64
CA PRO B 80 6.78 0.56 -17.57
C PRO B 80 7.44 0.68 -16.21
N GLU B 81 8.77 0.67 -16.15
CA GLU B 81 9.48 0.80 -14.89
C GLU B 81 9.49 2.23 -14.36
N ASP B 82 8.88 3.17 -15.08
CA ASP B 82 8.80 4.56 -14.63
C ASP B 82 7.56 4.83 -13.80
N PHE B 83 6.54 3.98 -13.87
CA PHE B 83 5.30 4.20 -13.13
C PHE B 83 5.54 3.93 -11.65
N ALA B 84 5.57 4.98 -10.86
CA ALA B 84 5.86 4.89 -9.43
C ALA B 84 5.37 6.16 -8.75
N THR B 85 5.71 6.32 -7.48
CA THR B 85 5.45 7.54 -6.75
C THR B 85 6.74 8.34 -6.65
N TYR B 86 6.66 9.64 -6.94
CA TYR B 86 7.82 10.52 -6.92
C TYR B 86 7.66 11.54 -5.81
N TYR B 87 8.71 11.70 -5.00
CA TYR B 87 8.71 12.66 -3.90
C TYR B 87 9.78 13.71 -4.13
N CYS B 88 9.50 14.94 -3.71
CA CYS B 88 10.54 15.97 -3.65
C CYS B 88 10.86 16.25 -2.19
N GLN B 89 12.06 16.78 -1.96
CA GLN B 89 12.52 17.06 -0.61
C GLN B 89 13.51 18.22 -0.62
N GLN B 90 13.24 19.24 0.20
CA GLN B 90 14.17 20.35 0.32
C GLN B 90 15.31 19.99 1.27
N THR B 91 16.53 20.38 0.88
CA THR B 91 17.73 20.07 1.66
C THR B 91 18.45 21.34 2.09
N TYR B 92 17.72 22.42 2.26
CA TYR B 92 18.30 23.72 2.60
C TYR B 92 18.30 24.00 4.10
N SER B 93 17.20 23.71 4.79
CA SER B 93 17.07 24.06 6.20
C SER B 93 16.39 22.93 6.94
N THR B 94 16.94 22.56 8.09
CA THR B 94 16.34 21.52 8.92
C THR B 94 15.04 22.04 9.52
N PRO B 95 13.99 21.19 9.61
CA PRO B 95 14.00 19.82 9.10
C PRO B 95 13.88 19.73 7.59
N TYR B 96 14.55 18.75 7.00
CA TYR B 96 14.53 18.56 5.55
C TYR B 96 13.21 17.87 5.19
N THR B 97 12.23 18.68 4.81
CA THR B 97 10.86 18.23 4.64
C THR B 97 10.64 17.62 3.26
N PHE B 98 9.75 16.63 3.21
CA PHE B 98 9.34 15.98 1.98
C PHE B 98 8.01 16.55 1.49
N GLY B 99 7.79 16.46 0.18
CA GLY B 99 6.47 16.67 -0.35
C GLY B 99 5.60 15.45 -0.14
N LEU B 100 4.30 15.62 -0.36
CA LEU B 100 3.35 14.55 -0.11
C LEU B 100 3.31 13.53 -1.24
N GLY B 101 3.93 13.80 -2.38
CA GLY B 101 4.16 12.80 -3.38
C GLY B 101 3.25 12.98 -4.60
N THR B 102 3.69 12.41 -5.72
CA THR B 102 2.92 12.34 -6.95
C THR B 102 2.91 10.90 -7.42
N LYS B 103 1.73 10.28 -7.42
CA LYS B 103 1.58 8.89 -7.85
C LYS B 103 1.32 8.86 -9.35
N LEU B 104 2.32 8.39 -10.10
CA LEU B 104 2.19 8.24 -11.56
C LEU B 104 1.68 6.84 -11.84
N GLU B 105 0.40 6.73 -12.20
CA GLU B 105 -0.26 5.46 -12.45
C GLU B 105 -0.49 5.27 -13.94
N ILE B 106 -0.73 4.02 -14.32
CA ILE B 106 -0.86 3.63 -15.72
C ILE B 106 -2.33 3.58 -16.10
N LYS B 107 -2.63 3.99 -17.34
CA LYS B 107 -4.00 4.01 -17.85
C LYS B 107 -4.38 2.65 -18.42
N ARG B 108 -5.58 2.20 -18.07
CA ARG B 108 -6.13 0.95 -18.60
C ARG B 108 -7.60 1.15 -18.89
N THR B 109 -8.26 0.08 -19.32
CA THR B 109 -9.68 0.14 -19.65
C THR B 109 -10.52 0.15 -18.38
N VAL B 110 -11.75 0.66 -18.52
CA VAL B 110 -12.65 0.73 -17.38
C VAL B 110 -13.03 -0.66 -16.92
N ALA B 111 -12.90 -0.91 -15.62
CA ALA B 111 -13.24 -2.20 -15.02
C ALA B 111 -14.21 -1.96 -13.87
N ALA B 112 -15.38 -2.59 -13.94
CA ALA B 112 -16.37 -2.43 -12.89
C ALA B 112 -15.98 -3.26 -11.67
N PRO B 113 -16.23 -2.76 -10.46
CA PRO B 113 -15.82 -3.49 -9.26
C PRO B 113 -16.80 -4.59 -8.89
N SER B 114 -16.25 -5.67 -8.31
CA SER B 114 -17.09 -6.68 -7.68
C SER B 114 -17.29 -6.30 -6.23
N VAL B 115 -18.54 -6.33 -5.76
CA VAL B 115 -18.91 -5.80 -4.46
C VAL B 115 -19.32 -6.94 -3.55
N PHE B 116 -18.75 -6.95 -2.34
CA PHE B 116 -19.07 -7.95 -1.33
C PHE B 116 -19.33 -7.26 0.00
N ILE B 117 -20.31 -7.76 0.75
CA ILE B 117 -20.68 -7.18 2.03
C ILE B 117 -20.43 -8.22 3.13
N PHE B 118 -19.78 -7.79 4.21
CA PHE B 118 -19.40 -8.68 5.30
C PHE B 118 -19.87 -8.07 6.62
N PRO B 119 -20.71 -8.75 7.38
CA PRO B 119 -21.12 -8.25 8.70
C PRO B 119 -20.04 -8.51 9.73
N PRO B 120 -20.08 -7.83 10.87
CA PRO B 120 -19.08 -8.08 11.90
C PRO B 120 -19.22 -9.49 12.49
N SER B 121 -18.10 -10.02 12.94
CA SER B 121 -18.08 -11.32 13.59
C SER B 121 -18.34 -11.16 15.08
N ASP B 122 -18.94 -12.20 15.68
CA ASP B 122 -19.24 -12.14 17.11
C ASP B 122 -17.97 -11.95 17.93
N GLU B 123 -16.84 -12.51 17.47
CA GLU B 123 -15.57 -12.29 18.13
C GLU B 123 -15.12 -10.83 18.03
N GLN B 124 -15.61 -10.10 17.04
CA GLN B 124 -15.37 -8.66 16.98
C GLN B 124 -16.36 -7.89 17.83
N LEU B 125 -17.61 -8.38 17.95
CA LEU B 125 -18.59 -7.73 18.81
C LEU B 125 -18.17 -7.74 20.27
N LYS B 126 -17.25 -8.61 20.67
CA LYS B 126 -16.75 -8.61 22.04
C LYS B 126 -15.84 -7.43 22.34
N SER B 127 -15.64 -6.54 21.37
CA SER B 127 -14.93 -5.28 21.59
C SER B 127 -15.87 -4.09 21.72
N GLY B 128 -17.18 -4.33 21.73
CA GLY B 128 -18.14 -3.26 21.80
C GLY B 128 -18.28 -2.42 20.55
N THR B 129 -17.69 -2.86 19.44
CA THR B 129 -17.71 -2.12 18.19
C THR B 129 -18.04 -3.07 17.05
N ALA B 130 -18.98 -2.69 16.19
CA ALA B 130 -19.37 -3.46 15.03
C ALA B 130 -18.87 -2.77 13.78
N SER B 131 -18.03 -3.46 13.00
CA SER B 131 -17.49 -2.94 11.75
C SER B 131 -18.12 -3.73 10.61
N VAL B 132 -18.95 -3.06 9.81
CA VAL B 132 -19.56 -3.66 8.62
C VAL B 132 -18.71 -3.26 7.43
N VAL B 133 -18.25 -4.24 6.66
CA VAL B 133 -17.26 -4.01 5.60
C VAL B 133 -17.92 -4.19 4.25
N CYS B 134 -17.66 -3.25 3.33
CA CYS B 134 -18.05 -3.37 1.93
C CYS B 134 -16.79 -3.33 1.10
N LEU B 135 -16.52 -4.41 0.38
CA LEU B 135 -15.29 -4.56 -0.40
C LEU B 135 -15.59 -4.43 -1.88
N LEU B 136 -14.80 -3.61 -2.56
CA LEU B 136 -14.85 -3.45 -4.01
C LEU B 136 -13.55 -4.01 -4.56
N ASN B 137 -13.65 -4.96 -5.49
CA ASN B 137 -12.47 -5.68 -5.97
C ASN B 137 -12.32 -5.49 -7.47
N ASN B 138 -11.07 -5.23 -7.88
CA ASN B 138 -10.65 -5.12 -9.27
C ASN B 138 -11.46 -4.10 -10.05
N PHE B 139 -11.21 -2.83 -9.81
CA PHE B 139 -11.88 -1.77 -10.54
C PHE B 139 -10.87 -0.74 -11.03
N TYR B 140 -11.28 0.01 -12.06
CA TYR B 140 -10.52 1.09 -12.64
C TYR B 140 -11.55 2.01 -13.28
N PRO B 141 -11.46 3.33 -13.07
CA PRO B 141 -10.44 4.02 -12.28
C PRO B 141 -10.69 3.98 -10.78
N ARG B 142 -9.85 4.68 -10.01
CA ARG B 142 -9.98 4.70 -8.56
C ARG B 142 -11.27 5.37 -8.11
N GLU B 143 -11.74 6.37 -8.86
CA GLU B 143 -12.93 7.13 -8.48
C GLU B 143 -14.14 6.24 -8.25
N ALA B 144 -14.60 6.16 -7.01
CA ALA B 144 -15.77 5.36 -6.67
C ALA B 144 -16.50 6.02 -5.51
N LYS B 145 -17.75 5.62 -5.31
CA LYS B 145 -18.57 6.16 -4.23
C LYS B 145 -19.27 5.02 -3.52
N VAL B 146 -19.13 4.98 -2.19
CA VAL B 146 -19.77 3.96 -1.35
C VAL B 146 -20.66 4.69 -0.35
N GLN B 147 -21.97 4.48 -0.48
CA GLN B 147 -22.95 5.09 0.41
C GLN B 147 -23.55 4.02 1.32
N TRP B 148 -23.52 4.27 2.63
CA TRP B 148 -24.05 3.31 3.59
C TRP B 148 -25.50 3.62 3.91
N LYS B 149 -26.30 2.58 4.07
CA LYS B 149 -27.73 2.70 4.37
C LYS B 149 -28.07 1.73 5.48
N VAL B 150 -28.43 2.26 6.65
CA VAL B 150 -28.86 1.48 7.79
C VAL B 150 -30.36 1.70 7.94
N ASP B 151 -31.15 0.65 7.66
CA ASP B 151 -32.61 0.75 7.63
C ASP B 151 -33.07 1.84 6.68
N ASN B 152 -32.47 1.85 5.49
CA ASN B 152 -32.76 2.81 4.42
C ASN B 152 -32.51 4.25 4.84
N ALA B 153 -31.65 4.47 5.83
CA ALA B 153 -31.26 5.80 6.25
C ALA B 153 -29.83 6.05 5.78
N LEU B 154 -29.66 7.02 4.88
CA LEU B 154 -28.34 7.35 4.37
C LEU B 154 -27.45 7.86 5.48
N GLN B 155 -26.29 7.23 5.65
CA GLN B 155 -25.39 7.51 6.75
C GLN B 155 -24.27 8.45 6.31
N SER B 156 -23.61 9.06 7.30
CA SER B 156 -22.53 10.00 7.04
C SER B 156 -21.74 10.20 8.32
N GLY B 157 -20.43 10.39 8.16
CA GLY B 157 -19.56 10.72 9.27
C GLY B 157 -19.08 9.56 10.12
N ASN B 158 -19.42 8.32 9.74
CA ASN B 158 -18.99 7.15 10.51
C ASN B 158 -18.42 6.04 9.63
N SER B 159 -18.17 6.32 8.35
CA SER B 159 -17.60 5.35 7.44
C SER B 159 -16.22 5.81 7.01
N GLN B 160 -15.27 4.87 6.94
CA GLN B 160 -13.92 5.16 6.48
C GLN B 160 -13.60 4.26 5.28
N GLU B 161 -12.68 4.71 4.46
CA GLU B 161 -12.30 3.98 3.26
C GLU B 161 -10.78 3.82 3.19
N SER B 162 -10.37 2.69 2.64
CA SER B 162 -8.96 2.39 2.41
C SER B 162 -8.82 1.80 1.02
N VAL B 163 -7.95 2.39 0.20
CA VAL B 163 -7.76 1.98 -1.19
C VAL B 163 -6.36 1.42 -1.35
N THR B 164 -6.26 0.30 -2.08
CA THR B 164 -4.97 -0.26 -2.42
C THR B 164 -4.27 0.65 -3.44
N GLU B 165 -2.99 0.36 -3.67
CA GLU B 165 -2.26 0.99 -4.75
C GLU B 165 -2.44 0.17 -6.04
N GLN B 166 -2.07 0.77 -7.17
CA GLN B 166 -2.33 0.14 -8.45
C GLN B 166 -1.62 -1.20 -8.56
N ASP B 167 -2.39 -2.23 -8.88
CA ASP B 167 -1.83 -3.57 -9.03
C ASP B 167 -0.85 -3.62 -10.20
N SER B 168 0.25 -4.33 -10.01
CA SER B 168 1.33 -4.36 -11.00
C SER B 168 1.00 -5.22 -12.21
N LYS B 169 -0.08 -5.99 -12.18
CA LYS B 169 -0.41 -6.92 -13.25
C LYS B 169 -1.63 -6.46 -14.05
N ASP B 170 -2.77 -6.30 -13.39
CA ASP B 170 -3.99 -5.89 -14.08
C ASP B 170 -4.23 -4.38 -14.00
N SER B 171 -3.44 -3.65 -13.21
CA SER B 171 -3.53 -2.19 -13.09
C SER B 171 -4.88 -1.75 -12.52
N THR B 172 -5.51 -2.60 -11.71
CA THR B 172 -6.77 -2.29 -11.08
C THR B 172 -6.55 -1.88 -9.62
N TYR B 173 -7.64 -1.45 -8.99
CA TYR B 173 -7.63 -1.07 -7.59
C TYR B 173 -8.59 -1.96 -6.81
N SER B 174 -8.53 -1.83 -5.50
CA SER B 174 -9.44 -2.50 -4.58
C SER B 174 -9.64 -1.59 -3.38
N LEU B 175 -10.86 -1.57 -2.85
CA LEU B 175 -11.24 -0.62 -1.82
C LEU B 175 -12.03 -1.32 -0.73
N SER B 176 -11.82 -0.88 0.51
CA SER B 176 -12.62 -1.31 1.64
C SER B 176 -13.33 -0.08 2.22
N SER B 177 -14.61 -0.24 2.50
CA SER B 177 -15.40 0.80 3.18
C SER B 177 -15.95 0.19 4.45
N THR B 178 -15.49 0.69 5.59
CA THR B 178 -15.90 0.19 6.89
C THR B 178 -16.85 1.18 7.54
N LEU B 179 -18.08 0.75 7.79
CA LEU B 179 -19.03 1.48 8.63
C LEU B 179 -18.86 0.99 10.05
N THR B 180 -18.52 1.91 10.95
CA THR B 180 -18.18 1.58 12.33
C THR B 180 -19.30 2.09 13.24
N LEU B 181 -20.08 1.17 13.80
CA LEU B 181 -21.13 1.49 14.75
C LEU B 181 -20.79 0.90 16.12
N SER B 182 -21.52 1.35 17.13
CA SER B 182 -21.40 0.71 18.43
C SER B 182 -22.20 -0.59 18.43
N LYS B 183 -21.82 -1.49 19.33
CA LYS B 183 -22.48 -2.80 19.38
C LYS B 183 -23.97 -2.66 19.67
N ALA B 184 -24.35 -1.74 20.56
CA ALA B 184 -25.76 -1.57 20.86
C ALA B 184 -26.50 -0.92 19.70
N ASP B 185 -25.93 0.11 19.07
CA ASP B 185 -26.54 0.69 17.89
C ASP B 185 -26.63 -0.31 16.76
N TYR B 186 -25.63 -1.20 16.63
CA TYR B 186 -25.68 -2.24 15.63
C TYR B 186 -26.81 -3.22 15.91
N GLU B 187 -26.98 -3.61 17.18
CA GLU B 187 -28.07 -4.49 17.57
C GLU B 187 -29.42 -3.79 17.63
N LYS B 188 -29.45 -2.48 17.39
CA LYS B 188 -30.70 -1.72 17.38
C LYS B 188 -31.34 -1.63 16.00
N HIS B 189 -30.66 -2.05 14.94
CA HIS B 189 -31.14 -1.87 13.58
C HIS B 189 -31.14 -3.19 12.82
N LYS B 190 -31.69 -3.17 11.61
CA LYS B 190 -31.93 -4.41 10.87
C LYS B 190 -31.09 -4.51 9.60
N VAL B 191 -31.49 -3.82 8.54
CA VAL B 191 -30.87 -4.00 7.23
C VAL B 191 -29.65 -3.08 7.11
N TYR B 192 -28.57 -3.62 6.58
CA TYR B 192 -27.34 -2.86 6.34
C TYR B 192 -26.95 -3.03 4.88
N ALA B 193 -26.87 -1.93 4.15
CA ALA B 193 -26.59 -1.97 2.73
C ALA B 193 -25.49 -0.99 2.37
N CYS B 194 -24.69 -1.36 1.37
CA CYS B 194 -23.74 -0.44 0.75
C CYS B 194 -24.08 -0.30 -0.73
N GLU B 195 -24.18 0.95 -1.19
CA GLU B 195 -24.48 1.28 -2.58
C GLU B 195 -23.21 1.80 -3.23
N VAL B 196 -22.80 1.16 -4.32
CA VAL B 196 -21.55 1.45 -5.00
C VAL B 196 -21.87 2.12 -6.33
N THR B 197 -21.22 3.25 -6.56
CA THR B 197 -21.31 4.00 -7.81
C THR B 197 -19.93 4.09 -8.41
N HIS B 198 -19.81 3.70 -9.69
CA HIS B 198 -18.52 3.68 -10.37
C HIS B 198 -18.75 3.93 -11.85
N GLN B 199 -17.70 4.39 -12.52
CA GLN B 199 -17.80 4.68 -13.95
C GLN B 199 -18.17 3.44 -14.76
N GLY B 200 -17.75 2.26 -14.30
CA GLY B 200 -18.08 1.01 -14.96
C GLY B 200 -19.41 0.42 -14.58
N LEU B 201 -20.25 1.16 -13.87
CA LEU B 201 -21.57 0.69 -13.45
C LEU B 201 -22.61 1.70 -13.91
N SER B 202 -23.46 1.32 -14.86
CA SER B 202 -24.53 2.20 -15.31
C SER B 202 -25.51 2.48 -14.19
N SER B 203 -25.87 1.44 -13.43
CA SER B 203 -26.72 1.56 -12.25
C SER B 203 -25.91 1.26 -11.00
N PRO B 204 -26.06 2.07 -9.95
CA PRO B 204 -25.34 1.78 -8.70
C PRO B 204 -25.76 0.44 -8.12
N VAL B 205 -24.77 -0.38 -7.76
CA VAL B 205 -25.04 -1.73 -7.29
C VAL B 205 -25.11 -1.72 -5.76
N THR B 206 -26.12 -2.39 -5.21
CA THR B 206 -26.36 -2.36 -3.78
C THR B 206 -26.23 -3.77 -3.22
N LYS B 207 -25.35 -3.94 -2.24
CA LYS B 207 -25.18 -5.20 -1.54
C LYS B 207 -25.61 -5.01 -0.09
N SER B 208 -26.51 -5.87 0.38
CA SER B 208 -27.12 -5.69 1.68
C SER B 208 -27.17 -7.00 2.44
N PHE B 209 -27.42 -6.89 3.74
CA PHE B 209 -27.72 -8.05 4.57
C PHE B 209 -28.70 -7.66 5.66
N ASN B 210 -29.30 -8.68 6.27
CA ASN B 210 -30.31 -8.52 7.31
C ASN B 210 -29.92 -9.39 8.49
N ARG B 211 -29.65 -8.75 9.63
CA ARG B 211 -29.23 -9.48 10.82
C ARG B 211 -30.33 -10.43 11.30
#